data_1ZQ5
#
_entry.id   1ZQ5
#
_cell.length_a   55.347
_cell.length_b   62.781
_cell.length_c   95.974
_cell.angle_alpha   90.00
_cell.angle_beta   90.00
_cell.angle_gamma   90.00
#
_symmetry.space_group_name_H-M   'P 21 21 21'
#
loop_
_entity.id
_entity.type
_entity.pdbx_description
1 polymer 'Aldo-keto reductase family 1 member C3'
2 non-polymer 'ACETATE ION'
3 non-polymer "3-CARBOXAMIDO-1,3,5(10)-ESTRATRIEN-17(R)-SPIRO-2'(5',5'-DIMETHYL-6'OXO)TETRAHYDROPYRAN"
4 non-polymer 'NADP NICOTINAMIDE-ADENINE-DINUCLEOTIDE PHOSPHATE'
5 water water
#
_entity_poly.entity_id   1
_entity_poly.type   'polypeptide(L)'
_entity_poly.pdbx_seq_one_letter_code
;MDSKQQCVKLNDGHFMPVLGFGTYAPPEVPRSKALEVTKLAIEAGFRHIDSAHLYNNEEQVGLAIRSKIADGSVKREDIF
YTSKLWSTFHRPELVRPALENSLKKAQLDYVDLYLIHSPMSLKPGEELSPTDENGKVIFDIVDLCTTWEAMEKCKDAGLA
KSIGVSNFNRRQLEMILNKPGLKYKPVCNQVECHPYFNRSKLLDFCKSKDIVLVAYSALGSQRDKRWVDPNSPVLLEDPV
LCALAKKHKRTPALIALRYQLQRGVVVLAKSYNEQRIRQNVQVFEFQLTAEDMKAIDGLDRNLHYFNSDSFASHPNYPYS
DEY
;
_entity_poly.pdbx_strand_id   A
#
loop_
_chem_comp.id
_chem_comp.type
_chem_comp.name
_chem_comp.formula
ACT non-polymer 'ACETATE ION' 'C2 H3 O2 -1'
E04 non-polymer 3-CARBOXAMIDO-1,3,5(10)-ESTRATRIEN-17(R)-SPIRO-2'(5',5'-DIMETHYL-6'OXO)TETRAHYDROPYRAN 'C25 H33 N O3'
NAP non-polymer 'NADP NICOTINAMIDE-ADENINE-DINUCLEOTIDE PHOSPHATE' 'C21 H28 N7 O17 P3'
#
# COMPACT_ATOMS: atom_id res chain seq x y z
N GLN A 5 -15.30 -3.74 -8.40
CA GLN A 5 -14.36 -4.55 -9.15
C GLN A 5 -14.26 -4.12 -10.61
N GLN A 6 -13.97 -2.85 -10.79
CA GLN A 6 -12.98 -2.41 -11.72
C GLN A 6 -11.59 -2.89 -11.30
N CYS A 7 -10.90 -3.56 -12.21
CA CYS A 7 -9.58 -4.13 -11.96
CA CYS A 7 -9.55 -4.12 -11.94
C CYS A 7 -8.61 -3.78 -13.08
N VAL A 8 -7.33 -3.93 -12.80
CA VAL A 8 -6.32 -3.86 -13.85
CA VAL A 8 -6.28 -3.82 -13.81
C VAL A 8 -5.56 -5.17 -13.87
N LYS A 9 -5.10 -5.56 -15.05
CA LYS A 9 -4.34 -6.76 -15.22
C LYS A 9 -2.88 -6.50 -14.88
N LEU A 10 -2.34 -7.31 -13.99
CA LEU A 10 -0.94 -7.25 -13.60
C LEU A 10 -0.05 -7.96 -14.60
N ASN A 11 1.24 -7.66 -14.55
CA ASN A 11 2.16 -8.20 -15.55
C ASN A 11 2.42 -9.71 -15.45
N ASP A 12 1.85 -10.34 -14.43
CA ASP A 12 1.92 -11.81 -14.29
C ASP A 12 0.59 -12.50 -14.62
N GLY A 13 -0.37 -11.72 -15.12
CA GLY A 13 -1.65 -12.27 -15.51
C GLY A 13 -2.76 -12.24 -14.47
N HIS A 14 -2.42 -11.90 -13.23
CA HIS A 14 -3.45 -11.78 -12.19
C HIS A 14 -4.11 -10.41 -12.28
N PHE A 15 -5.23 -10.24 -11.58
CA PHE A 15 -6.01 -9.00 -11.65
C PHE A 15 -6.14 -8.35 -10.27
N MET A 16 -6.01 -7.03 -10.26
CA MET A 16 -6.01 -6.25 -9.02
C MET A 16 -7.13 -5.21 -9.04
N PRO A 17 -8.04 -5.24 -8.05
CA PRO A 17 -9.04 -4.16 -8.00
C PRO A 17 -8.37 -2.79 -7.80
N VAL A 18 -8.88 -1.77 -8.49
CA VAL A 18 -8.20 -0.47 -8.55
C VAL A 18 -8.43 0.39 -7.32
N LEU A 19 -9.41 0.02 -6.49
CA LEU A 19 -9.63 0.64 -5.19
C LEU A 19 -9.35 -0.37 -4.09
N GLY A 20 -8.49 0.00 -3.13
CA GLY A 20 -8.16 -0.88 -2.03
C GLY A 20 -8.43 -0.27 -0.68
N PHE A 21 -8.69 -1.12 0.32
CA PHE A 21 -8.98 -0.68 1.68
C PHE A 21 -7.70 -0.72 2.50
N GLY A 22 -7.33 0.42 3.09
CA GLY A 22 -6.15 0.48 3.94
C GLY A 22 -6.49 0.07 5.36
N THR A 23 -5.69 -0.84 5.94
CA THR A 23 -6.04 -1.40 7.25
C THR A 23 -5.15 -0.90 8.38
N TYR A 24 -4.11 -0.12 8.11
CA TYR A 24 -3.25 0.32 9.22
C TYR A 24 -3.98 1.28 10.14
N ALA A 25 -3.87 0.99 11.44
CA ALA A 25 -4.22 1.93 12.49
C ALA A 25 -3.08 1.92 13.50
N PRO A 26 -2.79 3.06 14.11
CA PRO A 26 -1.68 3.11 15.07
C PRO A 26 -1.95 2.25 16.31
N PRO A 27 -0.89 1.91 17.07
CA PRO A 27 -0.96 0.97 18.20
C PRO A 27 -1.98 1.31 19.27
N GLU A 28 -2.34 2.58 19.38
CA GLU A 28 -3.30 3.04 20.39
C GLU A 28 -4.74 2.60 20.10
N VAL A 29 -5.02 2.26 18.84
CA VAL A 29 -6.34 1.78 18.42
C VAL A 29 -6.49 0.31 18.80
N PRO A 30 -7.58 -0.04 19.51
CA PRO A 30 -7.75 -1.45 19.90
C PRO A 30 -7.73 -2.39 18.69
N ARG A 31 -7.07 -3.53 18.86
CA ARG A 31 -6.92 -4.50 17.76
C ARG A 31 -8.24 -4.99 17.19
N SER A 32 -9.25 -5.10 18.03
CA SER A 32 -10.56 -5.58 17.59
C SER A 32 -11.21 -4.69 16.53
N LYS A 33 -10.80 -3.42 16.47
CA LYS A 33 -11.38 -2.48 15.51
CA LYS A 33 -11.36 -2.47 15.51
CA LYS A 33 -11.40 -2.49 15.50
C LYS A 33 -11.14 -2.90 14.05
N ALA A 34 -9.96 -3.46 13.79
CA ALA A 34 -9.61 -3.92 12.44
C ALA A 34 -10.60 -4.97 11.91
N LEU A 35 -11.06 -5.84 12.82
CA LEU A 35 -12.06 -6.85 12.48
C LEU A 35 -13.35 -6.17 12.03
N GLU A 36 -13.84 -5.26 12.86
CA GLU A 36 -15.10 -4.57 12.59
C GLU A 36 -15.05 -3.80 11.27
N VAL A 37 -14.00 -3.02 11.08
CA VAL A 37 -13.95 -2.12 9.92
C VAL A 37 -13.64 -2.83 8.61
N THR A 38 -12.90 -3.93 8.67
CA THR A 38 -12.65 -4.72 7.46
C THR A 38 -13.94 -5.39 6.98
N LYS A 39 -14.75 -5.87 7.93
CA LYS A 39 -16.08 -6.35 7.56
C LYS A 39 -16.94 -5.24 6.94
N LEU A 40 -16.92 -4.05 7.52
CA LEU A 40 -17.65 -2.92 6.96
C LEU A 40 -17.17 -2.58 5.56
N ALA A 41 -15.85 -2.65 5.35
CA ALA A 41 -15.27 -2.36 4.04
C ALA A 41 -15.76 -3.34 2.99
N ILE A 42 -15.75 -4.63 3.33
CA ILE A 42 -16.24 -5.65 2.42
C ILE A 42 -17.73 -5.43 2.13
N GLU A 43 -18.50 -5.12 3.19
CA GLU A 43 -19.93 -4.83 3.01
C GLU A 43 -20.19 -3.64 2.07
N ALA A 44 -19.31 -2.63 2.13
CA ALA A 44 -19.44 -1.43 1.31
C ALA A 44 -19.04 -1.67 -0.14
N GLY A 45 -18.30 -2.74 -0.39
CA GLY A 45 -17.88 -3.07 -1.75
C GLY A 45 -16.39 -3.16 -1.99
N PHE A 46 -15.58 -2.93 -0.95
CA PHE A 46 -14.13 -3.11 -1.11
C PHE A 46 -13.81 -4.59 -1.26
N ARG A 47 -12.91 -4.91 -2.18
CA ARG A 47 -12.49 -6.30 -2.37
C ARG A 47 -10.97 -6.46 -2.22
N HIS A 48 -10.24 -5.38 -2.51
CA HIS A 48 -8.79 -5.27 -2.33
C HIS A 48 -8.56 -4.78 -0.90
N ILE A 49 -7.81 -5.57 -0.11
CA ILE A 49 -7.56 -5.28 1.30
CA ILE A 49 -7.56 -5.29 1.31
C ILE A 49 -6.06 -5.29 1.53
N ASP A 50 -5.53 -4.19 2.08
CA ASP A 50 -4.09 -4.00 2.25
C ASP A 50 -3.67 -4.12 3.71
N SER A 51 -2.87 -5.15 4.02
CA SER A 51 -2.34 -5.35 5.38
C SER A 51 -0.81 -5.53 5.29
N ALA A 52 -0.20 -5.96 6.38
CA ALA A 52 1.27 -6.09 6.49
C ALA A 52 1.61 -6.69 7.84
N HIS A 53 2.77 -7.33 7.92
CA HIS A 53 3.28 -7.79 9.20
C HIS A 53 3.40 -6.62 10.18
N LEU A 54 3.88 -5.48 9.68
CA LEU A 54 4.09 -4.30 10.53
C LEU A 54 2.82 -3.86 11.27
N TYR A 55 1.65 -4.14 10.71
CA TYR A 55 0.40 -3.56 11.22
C TYR A 55 -0.14 -4.23 12.47
N ASN A 56 0.42 -5.38 12.82
CA ASN A 56 -0.06 -6.13 13.99
C ASN A 56 -1.59 -6.26 13.95
N ASN A 57 -2.13 -6.62 12.77
CA ASN A 57 -3.56 -6.74 12.56
C ASN A 57 -3.96 -7.89 11.62
N GLU A 58 -2.99 -8.68 11.17
CA GLU A 58 -3.30 -9.71 10.16
C GLU A 58 -4.32 -10.73 10.65
N GLU A 59 -4.26 -11.07 11.93
CA GLU A 59 -5.24 -11.99 12.53
CA GLU A 59 -5.23 -12.00 12.50
C GLU A 59 -6.66 -11.45 12.46
N GLN A 60 -6.80 -10.16 12.72
CA GLN A 60 -8.10 -9.50 12.76
CA GLN A 60 -8.10 -9.50 12.74
C GLN A 60 -8.64 -9.29 11.33
N VAL A 61 -7.76 -8.83 10.44
CA VAL A 61 -8.11 -8.62 9.05
C VAL A 61 -8.45 -9.97 8.38
N GLY A 62 -7.63 -10.98 8.66
CA GLY A 62 -7.90 -12.33 8.17
C GLY A 62 -9.24 -12.88 8.67
N LEU A 63 -9.54 -12.67 9.94
CA LEU A 63 -10.82 -13.11 10.50
C LEU A 63 -12.00 -12.42 9.82
N ALA A 64 -11.85 -11.13 9.51
CA ALA A 64 -12.92 -10.40 8.83
C ALA A 64 -13.20 -11.04 7.46
N ILE A 65 -12.14 -11.33 6.73
CA ILE A 65 -12.25 -11.96 5.41
C ILE A 65 -12.94 -13.32 5.51
N ARG A 66 -12.48 -14.15 6.45
CA ARG A 66 -13.06 -15.48 6.56
CA ARG A 66 -13.03 -15.50 6.68
CA ARG A 66 -13.04 -15.48 6.59
C ARG A 66 -14.50 -15.44 7.07
N SER A 67 -14.84 -14.43 7.87
CA SER A 67 -16.22 -14.23 8.34
CA SER A 67 -16.22 -14.23 8.34
C SER A 67 -17.15 -13.90 7.18
N LYS A 68 -16.67 -13.09 6.24
CA LYS A 68 -17.48 -12.69 5.08
C LYS A 68 -17.55 -13.79 4.03
N ILE A 69 -16.61 -14.72 4.08
CA ILE A 69 -16.67 -15.93 3.25
C ILE A 69 -17.66 -16.90 3.88
N ALA A 70 -17.60 -17.03 5.21
CA ALA A 70 -18.45 -17.95 5.96
C ALA A 70 -19.94 -17.62 5.85
N ASP A 71 -20.27 -16.33 5.87
CA ASP A 71 -21.67 -15.91 5.81
C ASP A 71 -22.19 -15.77 4.37
N GLY A 72 -21.34 -16.14 3.40
CA GLY A 72 -21.72 -16.19 1.99
C GLY A 72 -21.63 -14.90 1.21
N SER A 73 -21.11 -13.84 1.85
CA SER A 73 -21.03 -12.52 1.22
C SER A 73 -20.04 -12.49 0.05
N VAL A 74 -18.89 -13.14 0.24
CA VAL A 74 -17.87 -13.22 -0.80
C VAL A 74 -17.28 -14.62 -0.84
N LYS A 75 -16.59 -14.93 -1.93
CA LYS A 75 -15.74 -16.11 -2.00
C LYS A 75 -14.29 -15.64 -1.89
N ARG A 76 -13.39 -16.56 -1.53
CA ARG A 76 -11.96 -16.22 -1.44
C ARG A 76 -11.43 -15.58 -2.72
N GLU A 77 -11.85 -16.11 -3.86
CA GLU A 77 -11.40 -15.63 -5.17
CA GLU A 77 -11.38 -15.62 -5.16
C GLU A 77 -11.85 -14.19 -5.46
N ASP A 78 -12.86 -13.73 -4.71
CA ASP A 78 -13.40 -12.37 -4.87
C ASP A 78 -12.54 -11.33 -4.13
N ILE A 79 -11.72 -11.81 -3.20
CA ILE A 79 -10.90 -10.94 -2.36
C ILE A 79 -9.46 -10.88 -2.87
N PHE A 80 -8.90 -9.68 -2.92
CA PHE A 80 -7.50 -9.48 -3.25
C PHE A 80 -6.82 -9.00 -1.98
N TYR A 81 -6.08 -9.90 -1.34
CA TYR A 81 -5.45 -9.61 -0.05
C TYR A 81 -3.95 -9.44 -0.20
N THR A 82 -3.46 -8.33 0.34
CA THR A 82 -2.04 -8.02 0.32
C THR A 82 -1.44 -8.08 1.71
N SER A 83 -0.29 -8.74 1.83
CA SER A 83 0.59 -8.49 2.99
C SER A 83 1.97 -8.06 2.54
N LYS A 84 2.85 -7.77 3.51
CA LYS A 84 4.15 -7.19 3.20
C LYS A 84 5.20 -7.76 4.12
N LEU A 85 6.37 -8.01 3.53
CA LEU A 85 7.56 -8.46 4.20
C LEU A 85 8.17 -7.30 4.97
N TRP A 86 8.28 -7.41 6.29
CA TRP A 86 8.84 -6.32 7.08
C TRP A 86 10.38 -6.28 6.94
N SER A 87 10.96 -5.12 7.23
CA SER A 87 12.33 -4.80 6.86
C SER A 87 13.41 -5.54 7.64
N THR A 88 13.02 -6.19 8.73
CA THR A 88 13.92 -7.03 9.50
C THR A 88 14.01 -8.43 8.91
N PHE A 89 13.29 -8.68 7.81
CA PHE A 89 13.24 -10.01 7.19
C PHE A 89 13.72 -10.00 5.73
N HIS A 90 14.55 -9.02 5.38
CA HIS A 90 15.08 -8.91 4.02
C HIS A 90 16.09 -9.97 3.66
N ARG A 91 16.83 -10.49 4.64
CA ARG A 91 17.80 -11.55 4.35
CA ARG A 91 17.80 -11.53 4.34
C ARG A 91 17.04 -12.72 3.73
N PRO A 92 17.55 -13.25 2.59
CA PRO A 92 16.74 -14.19 1.80
C PRO A 92 16.18 -15.40 2.54
N GLU A 93 16.94 -15.94 3.48
CA GLU A 93 16.49 -17.10 4.26
C GLU A 93 15.29 -16.80 5.17
N LEU A 94 14.99 -15.52 5.36
CA LEU A 94 13.93 -15.12 6.27
C LEU A 94 12.62 -14.80 5.55
N VAL A 95 12.66 -14.76 4.22
CA VAL A 95 11.52 -14.27 3.44
C VAL A 95 10.35 -15.26 3.44
N ARG A 96 10.59 -16.51 3.07
CA ARG A 96 9.51 -17.48 3.07
C ARG A 96 8.91 -17.70 4.47
N PRO A 97 9.77 -17.86 5.50
CA PRO A 97 9.21 -17.95 6.85
C PRO A 97 8.34 -16.74 7.26
N ALA A 98 8.74 -15.53 6.87
CA ALA A 98 7.92 -14.35 7.16
C ALA A 98 6.55 -14.43 6.48
N LEU A 99 6.54 -14.84 5.21
CA LEU A 99 5.28 -15.01 4.49
C LEU A 99 4.42 -16.10 5.12
N GLU A 100 5.04 -17.24 5.45
CA GLU A 100 4.31 -18.33 6.10
CA GLU A 100 4.33 -18.34 6.10
C GLU A 100 3.68 -17.89 7.41
N ASN A 101 4.40 -17.08 8.18
CA ASN A 101 3.84 -16.56 9.43
CA ASN A 101 3.88 -16.50 9.43
C ASN A 101 2.67 -15.62 9.18
N SER A 102 2.77 -14.78 8.14
CA SER A 102 1.66 -13.91 7.78
C SER A 102 0.42 -14.72 7.37
N LEU A 103 0.64 -15.80 6.62
CA LEU A 103 -0.46 -16.68 6.22
C LEU A 103 -1.11 -17.36 7.41
N LYS A 104 -0.28 -17.81 8.35
CA LYS A 104 -0.76 -18.44 9.59
CA LYS A 104 -0.78 -18.45 9.56
C LYS A 104 -1.64 -17.46 10.36
N LYS A 105 -1.16 -16.23 10.53
CA LYS A 105 -1.90 -15.20 11.25
CA LYS A 105 -1.91 -15.20 11.26
C LYS A 105 -3.27 -14.94 10.63
N ALA A 106 -3.30 -14.76 9.31
CA ALA A 106 -4.53 -14.44 8.59
C ALA A 106 -5.43 -15.65 8.36
N GLN A 107 -4.89 -16.84 8.63
CA GLN A 107 -5.58 -18.12 8.37
CA GLN A 107 -5.60 -18.11 8.39
C GLN A 107 -5.99 -18.25 6.91
N LEU A 108 -5.07 -17.89 6.02
CA LEU A 108 -5.26 -17.97 4.58
C LEU A 108 -4.25 -18.93 3.98
N ASP A 109 -4.62 -19.55 2.86
CA ASP A 109 -3.73 -20.47 2.13
C ASP A 109 -2.69 -19.74 1.29
N TYR A 110 -3.05 -18.55 0.81
CA TYR A 110 -2.17 -17.74 -0.01
C TYR A 110 -2.55 -16.27 0.18
N VAL A 111 -1.61 -15.38 -0.10
CA VAL A 111 -1.93 -13.97 -0.28
C VAL A 111 -2.05 -13.70 -1.77
N ASP A 112 -2.90 -12.77 -2.16
CA ASP A 112 -2.92 -12.35 -3.56
C ASP A 112 -1.67 -11.57 -3.95
N LEU A 113 -1.11 -10.85 -3.00
CA LEU A 113 0.05 -10.01 -3.26
C LEU A 113 0.95 -9.96 -2.04
N TYR A 114 2.25 -10.17 -2.26
CA TYR A 114 3.23 -9.99 -1.19
C TYR A 114 4.24 -8.96 -1.64
N LEU A 115 4.45 -7.95 -0.80
CA LEU A 115 5.37 -6.85 -1.13
C LEU A 115 6.57 -6.80 -0.21
N ILE A 116 7.70 -6.38 -0.75
CA ILE A 116 8.76 -5.86 0.11
C ILE A 116 8.24 -4.51 0.64
N HIS A 117 8.03 -4.39 1.96
CA HIS A 117 7.36 -3.20 2.52
C HIS A 117 8.17 -1.92 2.26
N SER A 118 9.49 -2.01 2.34
CA SER A 118 10.35 -0.85 2.23
C SER A 118 11.75 -1.32 1.83
N PRO A 119 12.49 -0.50 1.04
CA PRO A 119 13.89 -0.87 0.74
C PRO A 119 14.84 -0.70 1.92
N MET A 120 14.36 -0.11 3.02
CA MET A 120 15.24 0.24 4.15
C MET A 120 15.43 -0.94 5.11
N SER A 121 16.32 -1.86 4.73
CA SER A 121 16.62 -3.04 5.54
C SER A 121 17.03 -2.72 6.97
N LEU A 122 16.55 -3.52 7.91
CA LEU A 122 16.82 -3.34 9.34
C LEU A 122 17.44 -4.60 9.92
N LYS A 123 18.14 -4.43 11.04
CA LYS A 123 18.76 -5.54 11.76
C LYS A 123 17.75 -6.66 12.01
N PRO A 124 18.09 -7.89 11.61
CA PRO A 124 17.22 -9.05 11.84
C PRO A 124 16.97 -9.28 13.32
N GLY A 125 15.77 -9.77 13.63
CA GLY A 125 15.30 -9.98 14.99
C GLY A 125 13.79 -9.82 15.01
N GLU A 126 13.21 -9.86 16.21
CA GLU A 126 11.75 -9.71 16.34
C GLU A 126 11.34 -8.36 16.91
N GLU A 127 12.30 -7.44 17.02
CA GLU A 127 11.99 -6.03 17.22
C GLU A 127 11.57 -5.46 15.87
N LEU A 128 10.42 -4.79 15.83
CA LEU A 128 9.97 -4.10 14.62
C LEU A 128 10.94 -2.99 14.25
N SER A 129 11.34 -2.20 15.26
CA SER A 129 12.29 -1.12 15.11
C SER A 129 13.50 -1.34 16.02
N PRO A 130 14.49 -2.14 15.56
CA PRO A 130 15.71 -2.37 16.34
C PRO A 130 16.56 -1.11 16.50
N ASN A 134 20.29 0.41 22.31
CA ASN A 134 19.72 1.31 21.31
C ASN A 134 20.50 1.28 20.00
N GLY A 135 19.77 1.18 18.89
CA GLY A 135 18.46 0.56 18.89
C GLY A 135 17.43 1.38 18.15
N LYS A 136 17.83 1.98 17.04
CA LYS A 136 19.06 2.76 17.00
C LYS A 136 18.86 4.06 16.23
N VAL A 137 18.28 3.96 15.04
CA VAL A 137 17.71 2.68 14.57
C VAL A 137 18.82 1.86 13.88
N ILE A 138 18.83 0.55 14.11
CA ILE A 138 19.89 -0.32 13.58
C ILE A 138 19.57 -0.79 12.15
N PHE A 139 20.34 -0.29 11.18
CA PHE A 139 20.15 -0.62 9.77
CA PHE A 139 20.13 -0.64 9.77
C PHE A 139 20.92 -1.89 9.38
N ASP A 140 20.49 -2.54 8.31
CA ASP A 140 21.17 -3.72 7.76
C ASP A 140 21.49 -3.40 6.30
N ILE A 141 22.59 -3.94 5.80
CA ILE A 141 22.96 -3.75 4.40
C ILE A 141 22.74 -5.08 3.67
N VAL A 142 21.67 -5.12 2.87
CA VAL A 142 21.26 -6.34 2.19
C VAL A 142 21.04 -6.03 0.73
N ASP A 143 21.63 -6.83 -0.15
CA ASP A 143 21.36 -6.73 -1.57
C ASP A 143 19.91 -7.13 -1.81
N LEU A 144 19.07 -6.15 -2.14
CA LEU A 144 17.65 -6.43 -2.33
C LEU A 144 17.34 -7.35 -3.51
N CYS A 145 18.31 -7.52 -4.42
CA CYS A 145 18.16 -8.52 -5.47
C CYS A 145 18.08 -9.93 -4.89
N THR A 146 18.78 -10.16 -3.79
CA THR A 146 18.71 -11.47 -3.10
C THR A 146 17.36 -11.64 -2.40
N THR A 147 16.85 -10.58 -1.77
CA THR A 147 15.50 -10.58 -1.21
C THR A 147 14.49 -10.89 -2.31
N TRP A 148 14.65 -10.24 -3.47
CA TRP A 148 13.75 -10.49 -4.60
C TRP A 148 13.75 -11.95 -5.06
N GLU A 149 14.93 -12.55 -5.15
CA GLU A 149 15.02 -13.96 -5.54
C GLU A 149 14.19 -14.83 -4.59
N ALA A 150 14.25 -14.52 -3.30
CA ALA A 150 13.47 -15.24 -2.30
C ALA A 150 11.96 -15.00 -2.46
N MET A 151 11.58 -13.77 -2.84
CA MET A 151 10.18 -13.46 -3.15
C MET A 151 9.68 -14.29 -4.34
N GLU A 152 10.53 -14.42 -5.36
CA GLU A 152 10.19 -15.21 -6.54
C GLU A 152 9.90 -16.66 -6.16
N LYS A 153 10.70 -17.21 -5.25
CA LYS A 153 10.50 -18.58 -4.79
C LYS A 153 9.16 -18.73 -4.07
N CYS A 154 8.70 -17.66 -3.41
CA CYS A 154 7.40 -17.67 -2.74
C CYS A 154 6.25 -17.74 -3.74
N LYS A 155 6.40 -17.03 -4.86
CA LYS A 155 5.43 -17.11 -5.94
C LYS A 155 5.40 -18.51 -6.55
N ASP A 156 6.59 -19.05 -6.82
CA ASP A 156 6.67 -20.41 -7.37
C ASP A 156 6.06 -21.45 -6.44
N ALA A 157 6.16 -21.24 -5.12
CA ALA A 157 5.57 -22.17 -4.14
C ALA A 157 4.05 -22.03 -4.01
N GLY A 158 3.48 -20.97 -4.57
CA GLY A 158 2.03 -20.74 -4.47
C GLY A 158 1.61 -20.01 -3.19
N LEU A 159 2.57 -19.52 -2.41
CA LEU A 159 2.25 -18.78 -1.19
C LEU A 159 1.71 -17.38 -1.48
N ALA A 160 2.18 -16.79 -2.58
CA ALA A 160 1.73 -15.49 -3.06
C ALA A 160 1.37 -15.64 -4.52
N LYS A 161 0.19 -15.16 -4.92
CA LYS A 161 -0.19 -15.20 -6.32
C LYS A 161 0.67 -14.24 -7.13
N SER A 162 0.91 -13.06 -6.56
CA SER A 162 1.73 -12.02 -7.17
C SER A 162 2.70 -11.46 -6.16
N ILE A 163 3.83 -10.94 -6.66
CA ILE A 163 4.83 -10.31 -5.82
C ILE A 163 5.14 -8.91 -6.34
N GLY A 164 5.44 -8.01 -5.42
CA GLY A 164 5.77 -6.64 -5.80
C GLY A 164 6.63 -5.96 -4.76
N VAL A 165 6.81 -4.66 -4.93
CA VAL A 165 7.61 -3.87 -3.99
C VAL A 165 6.83 -2.66 -3.50
N SER A 166 7.40 -2.00 -2.50
CA SER A 166 6.78 -0.81 -1.92
C SER A 166 7.89 0.14 -1.50
N ASN A 167 7.65 1.42 -1.74
CA ASN A 167 8.57 2.50 -1.36
C ASN A 167 9.89 2.48 -2.10
N PHE A 168 9.92 1.82 -3.25
CA PHE A 168 11.11 1.84 -4.10
C PHE A 168 11.11 3.09 -4.97
N ASN A 169 12.29 3.68 -5.16
CA ASN A 169 12.43 4.72 -6.17
C ASN A 169 12.79 4.09 -7.52
N ARG A 170 12.96 4.92 -8.56
CA ARG A 170 13.26 4.41 -9.89
C ARG A 170 14.54 3.57 -9.94
N ARG A 171 15.61 4.06 -9.31
CA ARG A 171 16.89 3.36 -9.28
CA ARG A 171 16.90 3.38 -9.24
C ARG A 171 16.76 1.99 -8.62
N GLN A 172 16.06 1.92 -7.49
CA GLN A 172 15.90 0.68 -6.77
C GLN A 172 15.08 -0.33 -7.57
N LEU A 173 14.05 0.16 -8.26
CA LEU A 173 13.24 -0.68 -9.14
CA LEU A 173 13.25 -0.70 -9.11
C LEU A 173 14.08 -1.19 -10.29
N GLU A 174 14.83 -0.28 -10.91
CA GLU A 174 15.74 -0.58 -12.02
C GLU A 174 16.73 -1.70 -11.68
N MET A 175 17.26 -1.66 -10.46
CA MET A 175 18.19 -2.69 -10.00
CA MET A 175 18.19 -2.69 -9.98
C MET A 175 17.58 -4.09 -10.03
N ILE A 176 16.30 -4.19 -9.67
CA ILE A 176 15.57 -5.45 -9.74
CA ILE A 176 15.60 -5.47 -9.74
C ILE A 176 15.31 -5.86 -11.19
N LEU A 177 14.84 -4.90 -11.99
CA LEU A 177 14.47 -5.17 -13.38
C LEU A 177 15.63 -5.62 -14.24
N ASN A 178 16.82 -5.15 -13.93
CA ASN A 178 18.01 -5.48 -14.71
C ASN A 178 18.92 -6.52 -14.07
N LYS A 179 18.38 -7.21 -13.06
CA LYS A 179 19.08 -8.29 -12.37
CA LYS A 179 19.13 -8.27 -12.39
C LYS A 179 19.27 -9.47 -13.32
N PRO A 180 20.48 -10.07 -13.36
CA PRO A 180 20.63 -11.24 -14.21
C PRO A 180 19.75 -12.38 -13.69
N GLY A 181 19.10 -13.08 -14.61
CA GLY A 181 18.27 -14.23 -14.26
C GLY A 181 16.97 -13.87 -13.56
N LEU A 182 16.49 -12.65 -13.76
CA LEU A 182 15.18 -12.24 -13.24
C LEU A 182 14.09 -13.16 -13.75
N LYS A 183 13.25 -13.65 -12.83
CA LYS A 183 12.17 -14.54 -13.19
C LYS A 183 10.83 -13.81 -13.26
N TYR A 184 10.56 -12.97 -12.27
CA TYR A 184 9.32 -12.21 -12.23
C TYR A 184 9.59 -10.74 -11.95
N LYS A 185 9.05 -9.88 -12.80
CA LYS A 185 9.04 -8.45 -12.51
C LYS A 185 8.12 -8.19 -11.32
N PRO A 186 8.46 -7.18 -10.49
CA PRO A 186 7.43 -6.76 -9.54
C PRO A 186 6.14 -6.35 -10.27
N VAL A 187 4.98 -6.73 -9.74
CA VAL A 187 3.73 -6.37 -10.40
C VAL A 187 3.35 -4.93 -10.11
N CYS A 188 3.88 -4.39 -9.00
CA CYS A 188 3.49 -3.06 -8.56
C CYS A 188 4.59 -2.46 -7.71
N ASN A 189 4.49 -1.14 -7.51
CA ASN A 189 5.29 -0.40 -6.55
C ASN A 189 4.31 0.45 -5.77
N GLN A 190 4.08 0.10 -4.50
CA GLN A 190 3.15 0.84 -3.64
C GLN A 190 3.91 1.96 -2.93
N VAL A 191 3.54 3.21 -3.20
CA VAL A 191 4.34 4.35 -2.75
C VAL A 191 3.44 5.48 -2.25
N GLU A 192 4.03 6.41 -1.51
CA GLU A 192 3.28 7.59 -1.08
C GLU A 192 2.94 8.41 -2.32
N CYS A 193 1.65 8.71 -2.49
CA CYS A 193 1.23 9.37 -3.72
C CYS A 193 -0.11 10.07 -3.51
N HIS A 194 -0.12 11.39 -3.74
CA HIS A 194 -1.29 12.24 -3.53
C HIS A 194 -0.99 13.56 -4.24
N PRO A 195 -1.97 14.48 -4.29
CA PRO A 195 -1.71 15.75 -5.00
C PRO A 195 -0.54 16.59 -4.51
N TYR A 196 -0.05 16.37 -3.28
CA TYR A 196 1.12 17.17 -2.85
C TYR A 196 2.46 16.50 -3.20
N PHE A 197 2.39 15.26 -3.68
CA PHE A 197 3.57 14.43 -3.96
C PHE A 197 3.08 13.40 -4.97
N ASN A 198 2.92 13.85 -6.22
CA ASN A 198 2.17 13.05 -7.18
C ASN A 198 2.96 11.98 -7.94
N ARG A 199 4.28 11.99 -7.79
CA ARG A 199 5.16 10.92 -8.29
C ARG A 199 5.09 10.76 -9.81
N SER A 200 4.88 11.88 -10.52
CA SER A 200 4.74 11.88 -11.97
CA SER A 200 4.70 11.83 -11.96
CA SER A 200 4.71 11.85 -11.97
C SER A 200 5.82 11.09 -12.71
N LYS A 201 7.07 11.35 -12.35
CA LYS A 201 8.19 10.68 -13.06
CA LYS A 201 8.18 10.69 -13.04
C LYS A 201 8.23 9.19 -12.76
N LEU A 202 8.01 8.84 -11.48
CA LEU A 202 7.99 7.44 -11.08
C LEU A 202 6.83 6.71 -11.76
N LEU A 203 5.68 7.38 -11.84
CA LEU A 203 4.52 6.84 -12.53
C LEU A 203 4.84 6.55 -13.99
N ASP A 204 5.43 7.53 -14.68
CA ASP A 204 5.80 7.34 -16.08
C ASP A 204 6.75 6.15 -16.25
N PHE A 205 7.74 6.04 -15.36
CA PHE A 205 8.65 4.91 -15.37
C PHE A 205 7.91 3.58 -15.17
N CYS A 206 7.09 3.50 -14.13
CA CYS A 206 6.35 2.28 -13.85
C CYS A 206 5.52 1.83 -15.04
N LYS A 207 4.77 2.76 -15.64
CA LYS A 207 3.93 2.46 -16.80
C LYS A 207 4.76 1.90 -17.94
N SER A 208 5.94 2.49 -18.15
CA SER A 208 6.85 2.06 -19.23
C SER A 208 7.38 0.63 -19.03
N LYS A 209 7.31 0.15 -17.79
CA LYS A 209 7.80 -1.19 -17.45
C LYS A 209 6.68 -2.18 -17.10
N ASP A 210 5.43 -1.79 -17.34
CA ASP A 210 4.27 -2.65 -17.04
C ASP A 210 4.21 -2.94 -15.52
N ILE A 211 4.49 -1.92 -14.71
CA ILE A 211 4.44 -2.03 -13.25
C ILE A 211 3.36 -1.06 -12.79
N VAL A 212 2.41 -1.54 -12.00
CA VAL A 212 1.33 -0.71 -11.48
C VAL A 212 1.82 0.13 -10.30
N LEU A 213 1.52 1.41 -10.31
CA LEU A 213 1.77 2.26 -9.15
CA LEU A 213 1.76 2.26 -9.16
C LEU A 213 0.53 2.21 -8.27
N VAL A 214 0.74 1.89 -6.99
CA VAL A 214 -0.33 1.85 -6.00
C VAL A 214 -0.09 2.97 -4.99
N ALA A 215 -1.07 3.86 -4.85
CA ALA A 215 -0.93 5.04 -4.01
C ALA A 215 -1.37 4.80 -2.57
N TYR A 216 -0.47 5.04 -1.63
CA TYR A 216 -0.83 5.14 -0.22
C TYR A 216 -0.75 6.59 0.26
N SER A 217 -1.36 6.85 1.42
CA SER A 217 -1.57 8.22 1.91
C SER A 217 -2.23 9.10 0.84
N ALA A 218 -3.09 8.49 0.05
CA ALA A 218 -3.79 9.20 -1.02
C ALA A 218 -4.71 10.28 -0.47
N LEU A 219 -5.08 10.15 0.80
CA LEU A 219 -5.93 11.14 1.48
C LEU A 219 -5.13 12.07 2.39
N GLY A 220 -3.80 11.99 2.30
CA GLY A 220 -2.93 12.90 3.06
C GLY A 220 -2.32 12.32 4.30
N SER A 221 -2.44 11.01 4.48
CA SER A 221 -1.89 10.25 5.61
C SER A 221 -2.68 10.45 6.91
N GLN A 222 -2.35 9.63 7.89
CA GLN A 222 -2.98 9.69 9.20
C GLN A 222 -2.26 10.72 10.09
N ARG A 223 -1.21 11.35 9.55
CA ARG A 223 -0.52 12.44 10.24
C ARG A 223 -0.02 12.04 11.63
N ASP A 224 0.48 10.81 11.73
CA ASP A 224 1.02 10.27 12.98
C ASP A 224 2.21 11.12 13.43
N LYS A 225 2.17 11.61 14.68
CA LYS A 225 3.22 12.50 15.19
C LYS A 225 4.63 11.87 15.21
N ARG A 226 4.68 10.53 15.17
CA ARG A 226 5.96 9.82 15.15
CA ARG A 226 5.97 9.86 15.17
C ARG A 226 6.72 10.07 13.85
N TRP A 227 5.96 10.30 12.76
CA TRP A 227 6.55 10.33 11.42
C TRP A 227 6.25 11.58 10.61
N VAL A 228 5.21 12.33 11.00
CA VAL A 228 4.68 13.40 10.16
C VAL A 228 4.71 14.74 10.91
N ASP A 229 5.20 15.76 10.22
CA ASP A 229 5.23 17.12 10.77
C ASP A 229 3.80 17.67 10.89
N PRO A 230 3.36 18.03 12.11
CA PRO A 230 2.01 18.63 12.23
C PRO A 230 1.86 19.93 11.44
N ASN A 231 2.97 20.59 11.10
CA ASN A 231 2.94 21.81 10.29
C ASN A 231 2.59 21.57 8.84
N SER A 232 2.78 20.34 8.37
CA SER A 232 2.52 20.02 6.97
CA SER A 232 2.52 20.06 6.98
C SER A 232 1.08 20.42 6.63
N PRO A 233 0.88 21.10 5.49
CA PRO A 233 -0.49 21.36 5.07
C PRO A 233 -1.33 20.08 5.02
N VAL A 234 -2.58 20.19 5.47
CA VAL A 234 -3.50 19.07 5.53
C VAL A 234 -4.13 18.91 4.15
N LEU A 235 -3.84 17.78 3.48
CA LEU A 235 -4.30 17.60 2.11
C LEU A 235 -5.80 17.85 1.95
N LEU A 236 -6.62 17.28 2.82
CA LEU A 236 -8.06 17.38 2.63
C LEU A 236 -8.64 18.77 2.90
N GLU A 237 -7.79 19.68 3.38
CA GLU A 237 -8.15 21.08 3.60
C GLU A 237 -7.68 21.97 2.45
N ASP A 238 -7.11 21.37 1.41
CA ASP A 238 -6.60 22.16 0.31
C ASP A 238 -7.74 22.89 -0.42
N PRO A 239 -7.64 24.22 -0.62
CA PRO A 239 -8.72 24.96 -1.27
CA PRO A 239 -8.74 24.94 -1.26
C PRO A 239 -9.08 24.49 -2.68
N VAL A 240 -8.10 24.00 -3.44
CA VAL A 240 -8.39 23.48 -4.79
C VAL A 240 -9.23 22.20 -4.69
N LEU A 241 -8.85 21.30 -3.78
CA LEU A 241 -9.67 20.09 -3.57
C LEU A 241 -11.06 20.43 -3.05
N CYS A 242 -11.15 21.42 -2.16
CA CYS A 242 -12.45 21.80 -1.62
CA CYS A 242 -12.45 21.84 -1.62
C CYS A 242 -13.34 22.42 -2.72
N ALA A 243 -12.74 23.23 -3.58
CA ALA A 243 -13.50 23.86 -4.67
C ALA A 243 -14.01 22.81 -5.65
N LEU A 244 -13.18 21.82 -5.95
CA LEU A 244 -13.58 20.74 -6.82
C LEU A 244 -14.66 19.87 -6.17
N ALA A 245 -14.55 19.64 -4.86
CA ALA A 245 -15.59 18.92 -4.15
C ALA A 245 -16.94 19.65 -4.26
N LYS A 246 -16.92 20.96 -4.10
CA LYS A 246 -18.12 21.80 -4.24
CA LYS A 246 -18.11 21.76 -4.23
C LYS A 246 -18.68 21.72 -5.64
N LYS A 247 -17.81 21.84 -6.63
CA LYS A 247 -18.20 21.80 -8.05
C LYS A 247 -18.93 20.52 -8.38
N HIS A 248 -18.41 19.39 -7.90
CA HIS A 248 -18.98 18.09 -8.23
C HIS A 248 -19.96 17.54 -7.19
N LYS A 249 -20.17 18.30 -6.12
CA LYS A 249 -20.98 17.86 -4.98
C LYS A 249 -20.51 16.52 -4.47
N ARG A 250 -19.20 16.45 -4.24
CA ARG A 250 -18.56 15.29 -3.64
C ARG A 250 -17.82 15.79 -2.41
N THR A 251 -16.68 15.19 -2.08
CA THR A 251 -15.90 15.56 -0.89
C THR A 251 -14.44 15.66 -1.33
N PRO A 252 -13.62 16.42 -0.58
CA PRO A 252 -12.20 16.49 -0.92
C PRO A 252 -11.54 15.09 -1.02
N ALA A 253 -11.89 14.17 -0.11
CA ALA A 253 -11.35 12.81 -0.17
C ALA A 253 -11.70 12.14 -1.49
N LEU A 254 -12.95 12.24 -1.91
CA LEU A 254 -13.36 11.65 -3.18
C LEU A 254 -12.61 12.25 -4.36
N ILE A 255 -12.37 13.56 -4.35
CA ILE A 255 -11.58 14.20 -5.40
C ILE A 255 -10.18 13.61 -5.45
N ALA A 256 -9.56 13.46 -4.28
CA ALA A 256 -8.19 12.93 -4.20
C ALA A 256 -8.10 11.49 -4.71
N LEU A 257 -9.12 10.69 -4.40
CA LEU A 257 -9.15 9.31 -4.87
C LEU A 257 -9.38 9.24 -6.38
N ARG A 258 -10.30 10.06 -6.88
CA ARG A 258 -10.64 10.03 -8.30
C ARG A 258 -9.48 10.47 -9.19
N TYR A 259 -8.74 11.46 -8.71
CA TYR A 259 -7.52 11.92 -9.34
C TYR A 259 -6.60 10.75 -9.66
N GLN A 260 -6.39 9.88 -8.67
CA GLN A 260 -5.50 8.75 -8.90
C GLN A 260 -6.04 7.81 -9.97
N LEU A 261 -7.30 7.46 -9.87
CA LEU A 261 -7.86 6.52 -10.84
C LEU A 261 -7.71 7.05 -12.26
N GLN A 262 -7.92 8.35 -12.45
CA GLN A 262 -7.86 8.94 -13.80
C GLN A 262 -6.44 9.04 -14.35
N ARG A 263 -5.43 8.93 -13.49
CA ARG A 263 -4.04 8.88 -13.95
CA ARG A 263 -4.06 8.89 -14.00
C ARG A 263 -3.56 7.44 -14.14
N GLY A 264 -4.44 6.47 -13.89
CA GLY A 264 -4.05 5.06 -14.01
C GLY A 264 -3.27 4.55 -12.80
N VAL A 265 -3.53 5.14 -11.64
CA VAL A 265 -2.91 4.72 -10.38
C VAL A 265 -3.95 3.97 -9.58
N VAL A 266 -3.57 2.80 -9.05
CA VAL A 266 -4.43 2.07 -8.12
C VAL A 266 -4.35 2.79 -6.77
N VAL A 267 -5.49 2.99 -6.12
CA VAL A 267 -5.51 3.84 -4.93
C VAL A 267 -6.04 3.12 -3.69
N LEU A 268 -5.34 3.27 -2.58
CA LEU A 268 -5.79 2.79 -1.27
C LEU A 268 -6.49 3.92 -0.52
N ALA A 269 -7.39 3.54 0.37
CA ALA A 269 -8.04 4.50 1.26
C ALA A 269 -8.27 3.84 2.60
N LYS A 270 -7.64 4.37 3.64
CA LYS A 270 -7.90 3.88 5.00
C LYS A 270 -9.02 4.70 5.63
N SER A 271 -9.99 4.01 6.19
CA SER A 271 -10.92 4.64 7.13
C SER A 271 -11.40 3.63 8.14
N TYR A 272 -11.46 4.06 9.39
CA TYR A 272 -12.03 3.23 10.46
C TYR A 272 -13.39 3.78 10.89
N ASN A 273 -13.99 4.57 10.01
CA ASN A 273 -15.29 5.20 10.25
C ASN A 273 -16.31 4.66 9.26
N GLU A 274 -17.43 4.14 9.77
CA GLU A 274 -18.40 3.49 8.90
C GLU A 274 -18.88 4.36 7.73
N GLN A 275 -19.18 5.62 8.02
CA GLN A 275 -19.71 6.55 7.01
CA GLN A 275 -19.71 6.55 7.01
C GLN A 275 -18.67 6.82 5.93
N ARG A 276 -17.43 7.08 6.34
CA ARG A 276 -16.36 7.36 5.39
C ARG A 276 -15.97 6.14 4.54
N ILE A 277 -16.00 4.95 5.14
CA ILE A 277 -15.80 3.70 4.38
C ILE A 277 -16.80 3.59 3.24
N ARG A 278 -18.08 3.84 3.55
CA ARG A 278 -19.13 3.76 2.55
CA ARG A 278 -19.15 3.78 2.56
C ARG A 278 -19.01 4.89 1.52
N GLN A 279 -18.60 6.07 1.96
CA GLN A 279 -18.39 7.20 1.05
C GLN A 279 -17.31 6.90 0.01
N ASN A 280 -16.23 6.24 0.43
CA ASN A 280 -15.04 6.15 -0.42
C ASN A 280 -15.27 5.31 -1.68
N VAL A 281 -16.21 4.37 -1.62
CA VAL A 281 -16.56 3.57 -2.80
C VAL A 281 -17.27 4.42 -3.87
N GLN A 282 -17.70 5.62 -3.51
CA GLN A 282 -18.35 6.51 -4.48
C GLN A 282 -17.37 7.08 -5.51
N VAL A 283 -16.09 6.72 -5.40
CA VAL A 283 -15.08 7.19 -6.35
C VAL A 283 -15.43 6.79 -7.78
N PHE A 284 -16.20 5.71 -7.94
CA PHE A 284 -16.59 5.23 -9.27
C PHE A 284 -17.80 5.96 -9.86
N GLU A 285 -18.38 6.90 -9.11
CA GLU A 285 -19.68 7.49 -9.48
C GLU A 285 -19.60 8.84 -10.20
N PHE A 286 -18.39 9.37 -10.38
CA PHE A 286 -18.26 10.67 -11.03
C PHE A 286 -16.91 10.78 -11.73
N GLN A 287 -16.73 11.87 -12.48
CA GLN A 287 -15.48 12.14 -13.21
C GLN A 287 -14.97 13.54 -12.99
N LEU A 288 -13.67 13.68 -13.15
CA LEU A 288 -12.99 14.96 -13.19
C LEU A 288 -12.67 15.31 -14.64
N THR A 289 -12.81 16.58 -14.99
CA THR A 289 -12.46 17.01 -16.34
C THR A 289 -10.96 17.19 -16.50
N ALA A 290 -10.49 17.39 -17.73
CA ALA A 290 -9.08 17.66 -17.95
C ALA A 290 -8.60 18.87 -17.16
N GLU A 291 -9.42 19.91 -17.09
CA GLU A 291 -9.04 21.12 -16.37
C GLU A 291 -9.02 20.85 -14.86
N ASP A 292 -9.97 20.06 -14.36
CA ASP A 292 -9.92 19.63 -12.95
C ASP A 292 -8.60 18.91 -12.67
N MET A 293 -8.23 17.98 -13.53
CA MET A 293 -6.99 17.21 -13.35
C MET A 293 -5.75 18.11 -13.38
N LYS A 294 -5.75 19.11 -14.27
CA LYS A 294 -4.66 20.08 -14.33
C LYS A 294 -4.57 20.90 -13.04
N ALA A 295 -5.71 21.30 -12.50
CA ALA A 295 -5.73 22.04 -11.25
C ALA A 295 -5.11 21.19 -10.13
N ILE A 296 -5.46 19.91 -10.09
CA ILE A 296 -4.90 19.02 -9.07
C ILE A 296 -3.39 18.81 -9.29
N ASP A 297 -2.97 18.65 -10.55
CA ASP A 297 -1.54 18.53 -10.86
C ASP A 297 -0.74 19.73 -10.38
N GLY A 298 -1.37 20.91 -10.40
CA GLY A 298 -0.72 22.13 -9.91
C GLY A 298 -0.39 22.14 -8.42
N LEU A 299 -0.93 21.18 -7.68
CA LEU A 299 -0.71 21.13 -6.22
C LEU A 299 0.60 20.48 -5.82
N ASP A 300 1.24 19.80 -6.76
CA ASP A 300 2.47 19.05 -6.50
C ASP A 300 3.51 19.94 -5.84
N ARG A 301 4.06 19.51 -4.71
CA ARG A 301 4.99 20.36 -3.94
C ARG A 301 6.05 19.57 -3.19
N ASN A 302 6.30 18.34 -3.63
CA ASN A 302 7.37 17.50 -3.08
C ASN A 302 7.21 17.27 -1.58
N LEU A 303 5.97 17.06 -1.15
CA LEU A 303 5.67 16.88 0.27
C LEU A 303 5.39 15.41 0.53
N HIS A 304 6.40 14.67 0.99
CA HIS A 304 6.14 13.35 1.57
C HIS A 304 5.87 13.52 3.05
N TYR A 305 4.66 13.14 3.45
CA TYR A 305 4.26 13.25 4.84
C TYR A 305 5.15 12.45 5.77
N PHE A 306 5.52 11.24 5.35
CA PHE A 306 6.45 10.44 6.16
C PHE A 306 7.82 11.05 5.99
N ASN A 307 8.33 11.64 7.08
CA ASN A 307 9.53 12.46 7.01
C ASN A 307 10.18 12.59 8.37
N SER A 308 10.99 11.59 8.72
CA SER A 308 11.57 11.52 10.06
C SER A 308 13.06 11.23 10.01
N ASP A 309 13.77 11.84 10.96
CA ASP A 309 15.16 11.51 11.26
C ASP A 309 15.38 10.01 11.48
N SER A 310 14.35 9.30 11.93
CA SER A 310 14.52 7.89 12.25
CA SER A 310 14.43 7.86 12.23
C SER A 310 14.84 7.05 11.02
N PHE A 311 14.51 7.57 9.83
CA PHE A 311 14.82 6.89 8.57
C PHE A 311 15.44 7.74 7.43
N ALA A 312 15.44 9.06 7.56
CA ALA A 312 15.98 9.94 6.50
C ALA A 312 17.49 9.75 6.27
N SER A 313 18.17 9.13 7.23
CA SER A 313 19.60 8.87 7.06
CA SER A 313 19.60 8.85 7.09
C SER A 313 19.90 7.39 6.75
N HIS A 314 18.86 6.58 6.52
CA HIS A 314 19.07 5.19 6.14
C HIS A 314 19.78 5.16 4.77
N PRO A 315 20.81 4.30 4.62
CA PRO A 315 21.53 4.25 3.35
C PRO A 315 20.65 3.93 2.15
N ASN A 316 19.51 3.26 2.37
CA ASN A 316 18.59 2.94 1.28
C ASN A 316 17.28 3.74 1.30
N TYR A 317 17.26 4.84 2.06
CA TYR A 317 16.15 5.79 2.04
C TYR A 317 15.91 6.24 0.59
N PRO A 318 14.68 6.08 0.08
CA PRO A 318 14.43 6.28 -1.35
C PRO A 318 14.29 7.71 -1.84
N TYR A 319 14.08 8.67 -0.93
CA TYR A 319 13.84 10.03 -1.37
C TYR A 319 15.15 10.78 -1.51
N SER A 320 15.22 11.64 -2.52
CA SER A 320 16.34 12.55 -2.71
C SER A 320 15.86 13.88 -2.15
N ASP A 321 16.23 14.14 -0.90
CA ASP A 321 15.75 15.33 -0.17
C ASP A 321 16.69 16.53 -0.26
C ACT B . 1.86 1.70 6.85
O ACT B . 0.64 1.90 6.69
OXT ACT B . 2.48 0.86 6.14
CH3 ACT B . 2.59 2.50 7.88
O26 E04 C . 10.32 3.39 2.91
C20 E04 C . 9.64 4.13 3.61
C21 E04 C . 9.71 5.64 3.46
C25 E04 C . 9.36 5.99 2.02
C24 E04 C . 11.12 6.12 3.77
C22 E04 C . 8.73 6.35 4.41
C23 E04 C . 8.57 5.65 5.74
C17 E04 C . 8.00 4.24 5.55
O19 E04 C . 8.81 3.51 4.59
C13 E04 C . 7.95 3.39 6.81
C18 E04 C . 7.80 1.92 6.41
C14 E04 C . 6.69 3.95 7.49
C15 E04 C . 5.67 3.99 6.36
C16 E04 C . 6.52 4.30 5.11
C8 E04 C . 6.36 3.25 8.82
C9 E04 C . 7.58 3.29 9.75
C11 E04 C . 8.88 2.79 9.08
C12 E04 C . 9.15 3.53 7.76
C10 E04 C . 7.31 2.58 11.04
C1 E04 C . 8.40 2.07 11.78
C2 E04 C . 8.15 1.42 13.00
C3 E04 C . 6.85 1.30 13.48
C27 E04 C . 6.55 0.62 14.79
O29 E04 C . 5.30 0.56 15.23
N28 E04 C . 7.49 0.12 15.48
C4 E04 C . 5.79 1.81 12.73
C5 E04 C . 6.01 2.46 11.52
C6 E04 C . 4.80 3.00 10.77
C7 E04 C . 5.21 3.88 9.59
PA NAP D . -5.09 7.59 4.04
O1A NAP D . -5.78 6.62 3.12
O2A NAP D . -4.25 8.65 3.43
O5B NAP D . -6.23 8.22 4.95
C5B NAP D . -5.87 9.23 5.89
C4B NAP D . -7.07 9.55 6.77
O4B NAP D . -8.16 9.95 5.95
C3B NAP D . -7.58 8.33 7.54
O3B NAP D . -6.96 8.22 8.82
C2B NAP D . -9.09 8.54 7.60
O2B NAP D . -9.53 8.81 8.92
C1B NAP D . -9.35 9.74 6.69
N9A NAP D . -10.43 9.53 5.72
C8A NAP D . -10.72 8.38 5.03
N7A NAP D . -11.77 8.62 4.23
C5A NAP D . -12.18 9.90 4.41
C6A NAP D . -13.20 10.65 3.86
N6A NAP D . -14.00 10.14 2.92
N1A NAP D . -13.35 11.96 4.27
C2A NAP D . -12.50 12.52 5.20
N3A NAP D . -11.48 11.77 5.74
C4A NAP D . -11.33 10.48 5.34
O3 NAP D . -4.26 6.75 5.15
PN NAP D . -2.85 5.97 5.13
O1N NAP D . -2.90 5.02 6.25
O2N NAP D . -1.71 6.91 5.06
O5D NAP D . -2.85 5.15 3.74
C5D NAP D . -3.81 4.15 3.47
C4D NAP D . -3.25 2.74 3.59
O4D NAP D . -2.14 2.59 2.73
C3D NAP D . -2.74 2.29 4.97
O3D NAP D . -3.79 1.99 5.88
C2D NAP D . -1.93 1.09 4.54
O2D NAP D . -2.80 0.03 4.21
C1D NAP D . -1.24 1.62 3.26
N1N NAP D . 0.06 2.27 3.55
C2N NAP D . 1.20 1.62 3.21
C3N NAP D . 2.44 2.19 3.47
C7N NAP D . 3.65 1.50 2.94
O7N NAP D . 4.86 1.85 3.50
N7N NAP D . 3.56 0.61 1.95
C4N NAP D . 2.55 3.42 4.12
C5N NAP D . 1.37 4.08 4.47
C6N NAP D . 0.13 3.50 4.17
P2B NAP D . -10.70 7.91 9.56
O1X NAP D . -10.16 6.52 9.80
O2X NAP D . -11.07 8.58 10.87
O3X NAP D . -11.85 7.90 8.59
#